data_7UST
#
_entry.id   7UST
#
_cell.length_a   42.299
_cell.length_b   84.179
_cell.length_c   184.880
_cell.angle_alpha   90.000
_cell.angle_beta   90.000
_cell.angle_gamma   90.000
#
_symmetry.space_group_name_H-M   'C 2 2 21'
#
loop_
_entity.id
_entity.type
_entity.pdbx_description
1 polymer 'Nanobody F5'
2 polymer 'Gametocyte surface protein P230'
3 non-polymer 'SULFATE ION'
4 water water
#
loop_
_entity_poly.entity_id
_entity_poly.type
_entity_poly.pdbx_seq_one_letter_code
_entity_poly.pdbx_strand_id
1 'polypeptide(L)'
;QVQLQESGGGLVQPGGSLRLSCAASGFTLDRYAIGWFRQAPGKEREGVSCISSSDGSTYYADSVKGRFTISRDNAKNTVY
LQMNSLKPEDTAVYYCARDHGPCTVLADILYDYGMDYWGKGTQVTVSSHHHHHH
;
B
2 'polypeptide(L)'
;GASTNKEYVCDFTDQLKPTESGPKVKKCEVKVNEPLIKVKIICPLKGSVEKLYDNIEYVPKKSPYVVLTKEETKLKEKLL
SKLIYGLLISPTVNEKENNFKEGVIEFTLPPVVHKATVFYFICDNSKTEDDNKKGNRGIVEVYVEPYG
;
A
#
loop_
_chem_comp.id
_chem_comp.type
_chem_comp.name
_chem_comp.formula
SO4 non-polymer 'SULFATE ION' 'O4 S -2'
#
# COMPACT_ATOMS: atom_id res chain seq x y z
N GLN A 1 -19.29 -8.89 12.25
CA GLN A 1 -20.41 -8.12 11.73
C GLN A 1 -19.91 -6.79 11.13
N VAL A 2 -18.60 -6.62 11.08
CA VAL A 2 -18.02 -5.44 10.43
C VAL A 2 -18.49 -5.40 8.98
N GLN A 3 -18.79 -4.20 8.49
CA GLN A 3 -19.29 -4.09 7.13
C GLN A 3 -19.10 -2.67 6.62
N LEU A 4 -18.88 -2.57 5.31
CA LEU A 4 -18.86 -1.31 4.59
C LEU A 4 -19.86 -1.44 3.45
N GLN A 5 -20.71 -0.43 3.33
CA GLN A 5 -21.83 -0.45 2.41
C GLN A 5 -21.73 0.80 1.55
N GLU A 6 -21.51 0.61 0.25
CA GLU A 6 -21.54 1.72 -0.69
C GLU A 6 -22.95 1.98 -1.16
N SER A 7 -23.25 3.25 -1.40
CA SER A 7 -24.45 3.67 -2.10
C SER A 7 -24.21 5.01 -2.75
N GLY A 8 -25.21 5.48 -3.48
CA GLY A 8 -25.13 6.77 -4.16
C GLY A 8 -24.93 6.66 -5.65
N GLY A 9 -24.70 5.47 -6.17
CA GLY A 9 -24.55 5.33 -7.60
C GLY A 9 -25.79 5.73 -8.35
N GLY A 10 -25.62 5.94 -9.65
CA GLY A 10 -26.74 6.36 -10.48
C GLY A 10 -26.27 6.66 -11.89
N LEU A 11 -27.22 7.15 -12.70
CA LEU A 11 -26.99 7.50 -14.09
C LEU A 11 -27.24 9.00 -14.26
N VAL A 12 -26.21 9.73 -14.67
CA VAL A 12 -26.31 11.15 -14.94
C VAL A 12 -25.71 11.43 -16.32
N GLN A 13 -25.82 12.69 -16.75
CA GLN A 13 -25.27 13.27 -17.97
C GLN A 13 -23.94 13.96 -17.66
N PRO A 14 -23.10 14.18 -18.67
CA PRO A 14 -21.84 14.90 -18.42
C PRO A 14 -22.13 16.24 -17.76
N GLY A 15 -21.30 16.58 -16.77
CA GLY A 15 -21.50 17.79 -16.00
C GLY A 15 -22.38 17.62 -14.78
N GLY A 16 -23.07 16.49 -14.64
CA GLY A 16 -23.90 16.22 -13.48
C GLY A 16 -23.08 15.86 -12.25
N SER A 17 -23.79 15.59 -11.16
CA SER A 17 -23.20 15.29 -9.85
C SER A 17 -23.85 14.06 -9.23
N LEU A 18 -23.07 13.31 -8.46
CA LEU A 18 -23.55 12.29 -7.54
C LEU A 18 -22.80 12.45 -6.23
N ARG A 19 -23.31 11.81 -5.16
CA ARG A 19 -22.60 11.73 -3.88
C ARG A 19 -22.58 10.27 -3.45
N LEU A 20 -21.41 9.66 -3.41
CA LEU A 20 -21.28 8.29 -2.95
C LEU A 20 -21.15 8.24 -1.44
N SER A 21 -21.76 7.22 -0.84
CA SER A 21 -21.72 7.00 0.60
C SER A 21 -21.06 5.68 0.91
N CYS A 22 -20.12 5.71 1.86
CA CYS A 22 -19.46 4.53 2.40
C CYS A 22 -19.84 4.49 3.87
N ALA A 23 -20.81 3.63 4.23
CA ALA A 23 -21.33 3.56 5.58
C ALA A 23 -20.72 2.38 6.33
N ALA A 24 -20.17 2.65 7.50
CA ALA A 24 -19.58 1.61 8.33
C ALA A 24 -20.65 1.04 9.23
N SER A 25 -20.64 -0.28 9.37
CA SER A 25 -21.54 -0.98 10.30
C SER A 25 -20.62 -1.80 11.20
N GLY A 26 -20.75 -1.63 12.50
CA GLY A 26 -20.06 -2.51 13.43
C GLY A 26 -18.64 -2.11 13.76
N PHE A 27 -18.22 -0.93 13.36
CA PHE A 27 -17.01 -0.30 13.87
C PHE A 27 -17.12 1.18 13.58
N THR A 28 -16.30 1.99 14.24
CA THR A 28 -16.25 3.42 13.90
C THR A 28 -15.13 3.66 12.89
N LEU A 29 -15.48 4.29 11.76
CA LEU A 29 -14.54 4.42 10.67
C LEU A 29 -13.54 5.56 10.84
N ASP A 30 -13.64 6.35 11.91
CA ASP A 30 -12.67 7.43 12.09
C ASP A 30 -11.40 6.96 12.77
N ARG A 31 -11.31 5.68 13.11
CA ARG A 31 -10.05 5.06 13.48
C ARG A 31 -9.33 4.46 12.28
N TYR A 32 -9.93 4.52 11.09
CA TYR A 32 -9.45 3.89 9.88
C TYR A 32 -9.27 4.93 8.78
N ALA A 33 -8.32 4.69 7.86
CA ALA A 33 -8.35 5.38 6.60
C ALA A 33 -9.43 4.76 5.72
N ILE A 34 -10.10 5.59 4.92
CA ILE A 34 -11.09 5.07 3.99
C ILE A 34 -10.71 5.47 2.58
N GLY A 35 -10.60 4.47 1.69
CA GLY A 35 -10.28 4.69 0.29
C GLY A 35 -11.43 4.40 -0.66
N TRP A 36 -11.55 5.24 -1.68
CA TRP A 36 -12.47 5.05 -2.78
C TRP A 36 -11.69 4.59 -3.99
N PHE A 37 -12.16 3.53 -4.62
CA PHE A 37 -11.54 2.95 -5.81
C PHE A 37 -12.63 2.77 -6.84
N ARG A 38 -12.22 2.63 -8.10
CA ARG A 38 -13.19 2.36 -9.14
C ARG A 38 -12.60 1.39 -10.15
N GLN A 39 -13.49 0.64 -10.80
CA GLN A 39 -13.10 -0.33 -11.83
C GLN A 39 -14.11 -0.27 -12.96
N ALA A 40 -13.71 0.32 -14.08
CA ALA A 40 -14.50 0.15 -15.30
C ALA A 40 -14.48 -1.33 -15.72
N PRO A 41 -15.56 -1.84 -16.30
CA PRO A 41 -15.62 -3.26 -16.67
C PRO A 41 -14.54 -3.65 -17.67
N GLY A 42 -13.77 -4.68 -17.31
CA GLY A 42 -12.65 -5.12 -18.12
C GLY A 42 -11.31 -4.49 -17.77
N LYS A 43 -11.29 -3.42 -16.99
CA LYS A 43 -10.06 -2.69 -16.67
C LYS A 43 -9.65 -2.94 -15.23
N GLU A 44 -8.45 -2.45 -14.89
CA GLU A 44 -7.91 -2.62 -13.56
C GLU A 44 -8.53 -1.60 -12.62
N ARG A 45 -8.81 -2.04 -11.41
CA ARG A 45 -9.21 -1.15 -10.34
C ARG A 45 -8.16 -0.07 -10.13
N GLU A 46 -8.59 1.17 -9.94
CA GLU A 46 -7.68 2.28 -9.70
C GLU A 46 -8.12 3.06 -8.47
N GLY A 47 -7.13 3.63 -7.76
CA GLY A 47 -7.46 4.51 -6.66
C GLY A 47 -8.12 5.78 -7.18
N VAL A 48 -9.10 6.27 -6.43
CA VAL A 48 -9.73 7.57 -6.68
C VAL A 48 -9.42 8.56 -5.59
N SER A 49 -9.60 8.16 -4.34
CA SER A 49 -9.42 9.12 -3.27
C SER A 49 -9.26 8.38 -1.96
N CYS A 50 -8.68 9.07 -0.98
CA CYS A 50 -8.53 8.45 0.32
C CYS A 50 -8.53 9.52 1.41
N ILE A 51 -9.15 9.22 2.54
CA ILE A 51 -9.11 10.09 3.71
C ILE A 51 -8.57 9.30 4.90
N SER A 52 -7.56 9.84 5.57
CA SER A 52 -7.00 9.17 6.74
C SER A 52 -7.77 9.54 7.99
N SER A 53 -7.35 8.97 9.11
CA SER A 53 -7.89 9.35 10.42
C SER A 53 -7.29 10.68 10.88
N SER A 57 -3.72 13.50 5.77
CA SER A 57 -4.46 14.42 4.91
C SER A 57 -5.46 13.68 4.01
N THR A 58 -5.42 13.98 2.71
CA THR A 58 -6.29 13.36 1.73
C THR A 58 -5.52 13.09 0.44
N TYR A 59 -5.94 12.06 -0.28
CA TYR A 59 -5.37 11.67 -1.56
C TYR A 59 -6.43 11.85 -2.64
N TYR A 60 -6.05 12.46 -3.77
CA TYR A 60 -6.91 12.52 -4.95
C TYR A 60 -6.11 12.07 -6.17
N ALA A 61 -6.68 11.15 -6.95
CA ALA A 61 -6.11 10.83 -8.25
C ALA A 61 -6.10 12.08 -9.13
N ASP A 62 -5.02 12.28 -9.90
CA ASP A 62 -4.92 13.52 -10.68
C ASP A 62 -6.20 13.80 -11.49
N SER A 63 -6.88 12.75 -11.97
CA SER A 63 -7.96 12.93 -12.93
C SER A 63 -9.24 13.46 -12.30
N VAL A 64 -9.36 13.44 -10.98
CA VAL A 64 -10.56 13.88 -10.29
C VAL A 64 -10.30 15.12 -9.44
N LYS A 65 -9.07 15.67 -9.45
CA LYS A 65 -8.76 16.84 -8.64
C LYS A 65 -9.59 18.06 -9.07
N GLY A 66 -10.19 18.74 -8.09
CA GLY A 66 -11.06 19.85 -8.38
C GLY A 66 -12.45 19.47 -8.78
N ARG A 67 -12.74 18.19 -8.95
CA ARG A 67 -14.08 17.76 -9.25
C ARG A 67 -14.69 16.89 -8.15
N PHE A 68 -13.89 16.07 -7.49
CA PHE A 68 -14.36 15.17 -6.44
C PHE A 68 -13.87 15.67 -5.09
N THR A 69 -14.70 15.47 -4.06
CA THR A 69 -14.31 15.84 -2.70
C THR A 69 -14.70 14.70 -1.76
N ILE A 70 -13.70 14.21 -1.01
CA ILE A 70 -13.93 13.20 0.01
C ILE A 70 -14.11 13.89 1.36
N SER A 71 -15.01 13.37 2.17
CA SER A 71 -15.24 13.94 3.48
C SER A 71 -15.74 12.84 4.41
N ARG A 72 -15.65 13.09 5.72
CA ARG A 72 -16.05 12.09 6.70
C ARG A 72 -17.00 12.73 7.71
N ASP A 73 -18.13 12.06 7.95
CA ASP A 73 -19.11 12.44 8.98
C ASP A 73 -19.00 11.45 10.14
N ASN A 74 -18.36 11.89 11.22
CA ASN A 74 -18.14 11.03 12.37
C ASN A 74 -19.45 10.60 13.00
N ALA A 75 -20.43 11.50 13.04
CA ALA A 75 -21.70 11.15 13.66
C ALA A 75 -22.45 10.15 12.80
N LYS A 76 -22.39 10.30 11.48
CA LYS A 76 -23.12 9.45 10.56
C LYS A 76 -22.34 8.16 10.26
N ASN A 77 -21.19 7.97 10.92
CA ASN A 77 -20.27 6.83 10.71
C ASN A 77 -20.08 6.48 9.24
N THR A 78 -19.90 7.52 8.41
CA THR A 78 -19.95 7.42 6.96
C THR A 78 -18.85 8.29 6.39
N VAL A 79 -18.26 7.86 5.27
CA VAL A 79 -17.39 8.68 4.44
C VAL A 79 -18.09 8.93 3.11
N TYR A 80 -18.04 10.18 2.63
CA TYR A 80 -18.70 10.58 1.39
C TYR A 80 -17.70 10.92 0.29
N LEU A 81 -18.14 10.72 -0.95
CA LEU A 81 -17.41 11.22 -2.11
C LEU A 81 -18.38 12.05 -2.95
N GLN A 82 -18.24 13.38 -2.90
CA GLN A 82 -19.07 14.28 -3.72
C GLN A 82 -18.43 14.37 -5.10
N MET A 83 -19.13 13.95 -6.12
CA MET A 83 -18.60 13.95 -7.48
C MET A 83 -19.35 14.99 -8.30
N ASN A 84 -18.72 16.14 -8.54
CA ASN A 84 -19.26 17.17 -9.42
C ASN A 84 -18.58 17.09 -10.79
N SER A 85 -19.14 17.83 -11.75
CA SER A 85 -18.62 17.91 -13.12
C SER A 85 -18.25 16.54 -13.69
N LEU A 86 -19.18 15.60 -13.59
CA LEU A 86 -18.85 14.24 -13.98
C LEU A 86 -18.65 14.15 -15.49
N LYS A 87 -17.75 13.27 -15.90
CA LYS A 87 -17.41 13.06 -17.30
C LYS A 87 -17.62 11.59 -17.65
N PRO A 88 -17.82 11.26 -18.93
CA PRO A 88 -18.07 9.86 -19.26
C PRO A 88 -16.94 8.93 -18.84
N GLU A 89 -15.70 9.43 -18.87
CA GLU A 89 -14.56 8.66 -18.38
C GLU A 89 -14.69 8.25 -16.91
N ASP A 90 -15.58 8.90 -16.14
CA ASP A 90 -15.77 8.53 -14.74
C ASP A 90 -16.69 7.34 -14.54
N THR A 91 -17.25 6.78 -15.61
CA THR A 91 -18.14 5.63 -15.52
C THR A 91 -17.38 4.40 -15.03
N ALA A 92 -17.91 3.73 -13.99
CA ALA A 92 -17.24 2.56 -13.43
C ALA A 92 -18.01 2.07 -12.21
N VAL A 93 -17.65 0.90 -11.69
CA VAL A 93 -18.15 0.44 -10.40
C VAL A 93 -17.21 0.98 -9.33
N TYR A 94 -17.77 1.70 -8.36
CA TYR A 94 -16.99 2.37 -7.34
C TYR A 94 -17.04 1.59 -6.02
N TYR A 95 -15.89 1.42 -5.39
CA TYR A 95 -15.80 0.61 -4.19
C TYR A 95 -15.17 1.40 -3.06
N CYS A 96 -15.54 1.03 -1.82
N CYS A 96 -15.52 1.06 -1.83
CA CYS A 96 -14.99 1.58 -0.59
CA CYS A 96 -14.85 1.63 -0.67
C CYS A 96 -14.27 0.49 0.19
C CYS A 96 -14.24 0.50 0.16
N ALA A 97 -13.18 0.84 0.87
CA ALA A 97 -12.50 -0.12 1.73
C ALA A 97 -11.78 0.60 2.86
N ARG A 98 -11.44 -0.15 3.88
CA ARG A 98 -10.79 0.40 5.06
C ARG A 98 -9.36 -0.12 5.17
N ASP A 99 -8.53 0.73 5.76
CA ASP A 99 -7.10 0.52 5.96
C ASP A 99 -6.83 0.83 7.42
N HIS A 100 -6.23 -0.12 8.14
CA HIS A 100 -5.70 0.16 9.47
C HIS A 100 -4.57 1.17 9.46
N GLY A 101 -3.85 1.30 8.36
CA GLY A 101 -2.76 2.24 8.29
C GLY A 101 -3.22 3.56 7.72
N PRO A 102 -2.29 4.47 7.45
CA PRO A 102 -2.67 5.77 6.88
C PRO A 102 -2.88 5.62 5.39
N CYS A 103 -3.55 6.61 4.78
CA CYS A 103 -3.57 6.65 3.32
C CYS A 103 -2.13 6.67 2.85
N THR A 104 -1.78 5.67 2.05
CA THR A 104 -0.39 5.43 1.67
C THR A 104 -0.30 5.53 0.16
N VAL A 105 0.54 6.45 -0.33
CA VAL A 105 0.72 6.64 -1.76
C VAL A 105 2.17 6.37 -2.14
N LEU A 106 2.37 5.49 -3.11
CA LEU A 106 3.71 5.18 -3.63
C LEU A 106 3.67 5.42 -5.12
N ALA A 107 4.61 6.25 -5.61
CA ALA A 107 4.73 6.62 -7.00
C ALA A 107 3.36 7.09 -7.53
N ASP A 108 2.69 7.90 -6.72
CA ASP A 108 1.39 8.47 -7.04
C ASP A 108 0.33 7.39 -7.26
N ILE A 109 0.50 6.22 -6.64
CA ILE A 109 -0.54 5.18 -6.65
C ILE A 109 -1.03 4.93 -5.22
N LEU A 110 -2.37 4.91 -5.01
CA LEU A 110 -2.86 4.59 -3.65
C LEU A 110 -2.59 3.11 -3.33
N TYR A 111 -1.80 2.87 -2.26
CA TYR A 111 -1.48 1.50 -1.85
C TYR A 111 -2.71 0.84 -1.26
N ASP A 112 -3.04 -0.36 -1.74
CA ASP A 112 -4.31 -1.01 -1.39
C ASP A 112 -4.11 -2.38 -0.76
N TYR A 113 -2.85 -2.79 -0.51
CA TYR A 113 -2.67 -4.12 0.05
C TYR A 113 -3.10 -4.20 1.52
N GLY A 114 -3.19 -3.07 2.22
CA GLY A 114 -3.77 -3.07 3.55
C GLY A 114 -5.28 -2.96 3.60
N MET A 115 -5.97 -2.95 2.45
CA MET A 115 -7.40 -2.64 2.41
C MET A 115 -8.24 -3.89 2.64
N ASP A 116 -9.33 -3.72 3.38
CA ASP A 116 -10.10 -4.83 3.89
C ASP A 116 -11.57 -4.46 3.85
N TYR A 117 -12.43 -5.48 3.97
CA TYR A 117 -13.89 -5.33 4.08
C TYR A 117 -14.43 -4.51 2.91
N TRP A 118 -13.90 -4.76 1.72
CA TRP A 118 -14.39 -4.15 0.49
C TRP A 118 -15.89 -4.28 0.39
N GLY A 119 -16.58 -3.16 0.21
CA GLY A 119 -18.00 -3.21 -0.04
C GLY A 119 -18.31 -3.91 -1.36
N LYS A 120 -19.60 -4.17 -1.57
CA LYS A 120 -20.07 -4.82 -2.79
C LYS A 120 -20.02 -3.91 -4.01
N GLY A 121 -19.92 -2.59 -3.84
CA GLY A 121 -19.73 -1.71 -4.96
C GLY A 121 -21.03 -1.04 -5.39
N THR A 122 -20.90 0.13 -6.02
CA THR A 122 -22.06 0.90 -6.49
C THR A 122 -21.75 1.40 -7.91
N GLN A 123 -22.71 1.27 -8.82
CA GLN A 123 -22.46 1.57 -10.23
C GLN A 123 -22.61 3.07 -10.51
N VAL A 124 -21.69 3.63 -11.28
CA VAL A 124 -21.75 5.03 -11.68
C VAL A 124 -21.65 5.10 -13.20
N THR A 125 -22.63 5.77 -13.83
CA THR A 125 -22.66 5.89 -15.29
C THR A 125 -22.89 7.33 -15.70
N VAL A 126 -22.01 7.86 -16.52
CA VAL A 126 -22.12 9.23 -17.01
C VAL A 126 -22.25 9.14 -18.53
N SER A 127 -23.42 9.51 -19.06
CA SER A 127 -23.66 9.33 -20.49
C SER A 127 -24.52 10.46 -21.04
N SER A 128 -24.23 10.87 -22.28
CA SER A 128 -24.98 11.94 -22.93
C SER A 128 -26.12 11.36 -23.76
N ALA B 2 34.43 -8.56 -8.96
CA ALA B 2 34.08 -9.97 -8.90
C ALA B 2 33.45 -10.36 -7.54
N SER B 3 33.72 -9.61 -6.48
CA SER B 3 33.20 -9.94 -5.17
C SER B 3 32.45 -8.77 -4.56
N THR B 4 31.47 -9.07 -3.74
CA THR B 4 30.71 -8.03 -3.07
C THR B 4 31.44 -7.68 -1.78
N ASN B 5 31.67 -6.38 -1.55
CA ASN B 5 32.14 -5.99 -0.24
C ASN B 5 31.28 -4.90 0.36
N LYS B 6 30.16 -4.56 -0.26
CA LYS B 6 29.33 -3.47 0.27
C LYS B 6 27.87 -3.90 0.43
N GLU B 7 27.27 -3.53 1.56
CA GLU B 7 25.89 -3.93 1.82
C GLU B 7 25.13 -2.71 2.32
N TYR B 8 23.89 -2.53 1.83
CA TYR B 8 23.02 -1.50 2.42
C TYR B 8 21.99 -2.23 3.29
N VAL B 9 21.75 -1.71 4.49
CA VAL B 9 20.86 -2.36 5.45
C VAL B 9 19.72 -1.40 5.80
N CYS B 10 18.47 -1.85 5.65
CA CYS B 10 17.33 -1.12 6.24
C CYS B 10 16.84 -1.91 7.42
N ASP B 11 16.74 -1.28 8.59
CA ASP B 11 16.46 -2.00 9.83
C ASP B 11 15.36 -1.24 10.57
N PHE B 12 14.17 -1.85 10.64
CA PHE B 12 12.98 -1.27 11.27
C PHE B 12 12.78 -1.77 12.70
N THR B 13 13.81 -2.36 13.31
CA THR B 13 13.64 -3.09 14.55
C THR B 13 12.91 -2.26 15.58
N ASP B 14 13.10 -0.95 15.56
CA ASP B 14 12.51 -0.12 16.58
C ASP B 14 11.35 0.76 16.12
N GLN B 15 11.28 1.10 14.84
CA GLN B 15 10.42 2.20 14.39
C GLN B 15 8.97 1.84 14.21
N LEU B 16 8.57 0.57 14.33
CA LEU B 16 7.20 0.19 14.00
C LEU B 16 6.36 -0.08 15.22
N LYS B 17 6.93 0.05 16.42
CA LYS B 17 6.21 -0.12 17.68
C LYS B 17 4.94 0.75 17.76
N PRO B 18 3.88 0.23 18.39
CA PRO B 18 2.67 1.04 18.55
C PRO B 18 2.97 2.35 19.25
N THR B 19 2.38 3.41 18.71
CA THR B 19 2.58 4.77 19.17
C THR B 19 1.23 5.49 19.13
N GLU B 20 1.08 6.53 19.96
CA GLU B 20 -0.19 7.24 20.01
C GLU B 20 -0.43 8.03 18.72
N SER B 21 0.64 8.53 18.11
CA SER B 21 0.57 9.21 16.81
C SER B 21 0.27 8.24 15.67
N GLY B 22 0.43 6.94 15.87
CA GLY B 22 0.32 5.97 14.79
C GLY B 22 -1.12 5.70 14.41
N PRO B 23 -1.31 5.08 13.23
CA PRO B 23 -0.23 4.59 12.34
C PRO B 23 0.43 5.63 11.42
N LYS B 24 1.75 5.56 11.29
CA LYS B 24 2.51 6.45 10.43
C LYS B 24 3.28 5.61 9.42
N VAL B 25 3.66 6.23 8.30
CA VAL B 25 4.57 5.56 7.34
C VAL B 25 5.99 5.90 7.74
N LYS B 26 6.83 4.88 7.88
CA LYS B 26 8.26 5.01 8.14
C LYS B 26 8.96 4.47 6.91
N LYS B 27 9.83 5.27 6.30
CA LYS B 27 10.42 4.94 5.00
C LYS B 27 11.93 4.74 5.10
N CYS B 28 12.42 3.77 4.34
CA CYS B 28 13.86 3.54 4.17
C CYS B 28 14.08 3.41 2.68
N GLU B 29 14.88 4.30 2.12
CA GLU B 29 15.15 4.23 0.67
C GLU B 29 16.58 3.76 0.44
N VAL B 30 16.74 2.80 -0.47
CA VAL B 30 18.03 2.25 -0.88
C VAL B 30 18.20 2.64 -2.34
N LYS B 31 19.13 3.52 -2.65
CA LYS B 31 19.37 3.93 -4.03
C LYS B 31 20.69 3.32 -4.48
N VAL B 32 20.66 2.53 -5.56
CA VAL B 32 21.83 1.76 -5.97
C VAL B 32 22.26 2.19 -7.38
N ASN B 33 23.52 2.53 -7.53
CA ASN B 33 23.99 2.94 -8.86
C ASN B 33 25.37 2.39 -9.16
N GLU B 34 25.67 1.23 -8.61
CA GLU B 34 26.96 0.59 -8.80
C GLU B 34 26.74 -0.90 -8.65
N PRO B 35 27.66 -1.74 -9.14
CA PRO B 35 27.36 -3.17 -9.23
C PRO B 35 27.55 -3.92 -7.94
N LEU B 36 26.89 -5.09 -7.87
CA LEU B 36 27.17 -6.14 -6.86
C LEU B 36 26.89 -5.65 -5.43
N ILE B 37 25.88 -4.81 -5.25
CA ILE B 37 25.50 -4.34 -3.92
C ILE B 37 24.57 -5.36 -3.29
N LYS B 38 24.85 -5.73 -2.04
CA LYS B 38 23.95 -6.58 -1.28
C LYS B 38 22.99 -5.70 -0.49
N VAL B 39 21.71 -6.11 -0.40
CA VAL B 39 20.67 -5.34 0.31
C VAL B 39 20.12 -6.27 1.40
N LYS B 40 19.99 -5.77 2.60
CA LYS B 40 19.48 -6.57 3.71
C LYS B 40 18.40 -5.74 4.40
N ILE B 41 17.21 -6.34 4.58
CA ILE B 41 16.09 -5.66 5.24
C ILE B 41 15.70 -6.42 6.49
N ILE B 42 15.68 -5.74 7.65
CA ILE B 42 15.35 -6.35 8.93
C ILE B 42 14.01 -5.81 9.42
N CYS B 43 13.07 -6.73 9.72
N CYS B 43 13.08 -6.71 9.77
CA CYS B 43 11.72 -6.54 10.23
CA CYS B 43 11.81 -6.25 10.30
C CYS B 43 11.63 -7.07 11.65
C CYS B 43 11.46 -7.09 11.51
N PRO B 44 10.80 -6.51 12.51
CA PRO B 44 10.53 -7.22 13.76
C PRO B 44 9.56 -8.36 13.52
N LEU B 45 9.67 -9.39 14.36
CA LEU B 45 8.81 -10.56 14.34
C LEU B 45 7.69 -10.47 15.36
N LYS B 46 6.55 -11.05 15.00
CA LYS B 46 5.52 -11.25 16.01
C LYS B 46 6.10 -12.04 17.17
N GLY B 47 5.83 -11.59 18.39
CA GLY B 47 6.33 -12.25 19.57
C GLY B 47 7.76 -11.90 19.98
N SER B 48 8.51 -11.20 19.14
CA SER B 48 9.86 -10.80 19.52
C SER B 48 9.82 -9.99 20.80
N VAL B 49 8.82 -9.13 20.95
CA VAL B 49 8.47 -8.49 22.21
C VAL B 49 7.03 -8.86 22.48
N GLU B 50 6.66 -8.98 23.75
CA GLU B 50 5.25 -9.21 24.07
C GLU B 50 4.42 -8.05 23.53
N LYS B 51 3.24 -8.37 23.01
CA LYS B 51 2.41 -7.40 22.29
C LYS B 51 3.31 -6.70 21.27
N LEU B 52 3.09 -5.42 21.03
CA LEU B 52 3.94 -4.59 20.18
C LEU B 52 3.95 -5.01 18.71
N TYR B 53 4.04 -6.33 18.40
CA TYR B 53 4.05 -6.78 17.00
C TYR B 53 3.08 -7.93 16.75
N ASP B 54 2.04 -8.07 17.59
CA ASP B 54 1.23 -9.28 17.51
C ASP B 54 0.47 -9.42 16.20
N ASN B 55 0.29 -8.34 15.45
CA ASN B 55 -0.45 -8.44 14.19
C ASN B 55 0.39 -7.96 12.99
N ILE B 56 1.72 -8.01 13.09
CA ILE B 56 2.54 -7.52 12.00
C ILE B 56 2.33 -8.42 10.78
N GLU B 57 2.45 -7.81 9.58
CA GLU B 57 2.32 -8.52 8.31
C GLU B 57 3.37 -7.97 7.37
N TYR B 58 3.70 -8.77 6.36
CA TYR B 58 4.75 -8.47 5.39
C TYR B 58 4.18 -8.50 3.97
N VAL B 59 4.61 -7.54 3.13
CA VAL B 59 4.13 -7.51 1.76
C VAL B 59 5.31 -7.28 0.82
N PRO B 60 5.56 -8.14 -0.20
CA PRO B 60 4.89 -9.39 -0.50
C PRO B 60 5.19 -10.48 0.52
N LYS B 61 4.25 -11.41 0.74
CA LYS B 61 4.57 -12.47 1.70
C LYS B 61 5.77 -13.30 1.25
N LYS B 62 6.02 -13.40 -0.07
CA LYS B 62 7.12 -14.16 -0.63
C LYS B 62 8.36 -13.31 -0.92
N SER B 63 8.53 -12.18 -0.22
CA SER B 63 9.79 -11.45 -0.34
C SER B 63 10.97 -12.32 0.10
N PRO B 64 12.14 -12.18 -0.53
CA PRO B 64 12.50 -11.19 -1.56
C PRO B 64 12.25 -11.70 -2.95
N TYR B 65 11.78 -12.95 -3.12
CA TYR B 65 11.59 -13.46 -4.47
C TYR B 65 10.53 -12.68 -5.23
N VAL B 66 9.52 -12.20 -4.51
CA VAL B 66 8.43 -11.39 -5.05
C VAL B 66 8.51 -10.01 -4.41
N VAL B 67 8.33 -8.95 -5.24
CA VAL B 67 8.42 -7.56 -4.80
C VAL B 67 7.19 -6.80 -5.28
N LEU B 68 6.97 -5.64 -4.68
CA LEU B 68 5.93 -4.71 -5.21
C LEU B 68 6.58 -3.78 -6.23
N THR B 69 5.95 -3.59 -7.39
CA THR B 69 6.52 -2.67 -8.35
C THR B 69 5.40 -2.05 -9.18
N LYS B 70 5.67 -0.90 -9.75
CA LYS B 70 4.62 -0.19 -10.48
C LYS B 70 4.53 -0.73 -11.90
N GLU B 71 3.30 -1.09 -12.31
CA GLU B 71 3.02 -1.52 -13.68
C GLU B 71 1.77 -0.74 -14.07
N GLU B 72 1.93 0.19 -15.00
CA GLU B 72 0.88 1.13 -15.38
C GLU B 72 0.53 1.97 -14.16
N THR B 73 -0.71 1.98 -13.69
CA THR B 73 -1.10 2.73 -12.51
C THR B 73 -1.56 1.77 -11.42
N LYS B 74 -0.86 0.64 -11.31
CA LYS B 74 -1.13 -0.36 -10.29
C LYS B 74 0.20 -0.76 -9.69
N LEU B 75 0.19 -1.05 -8.40
CA LEU B 75 1.32 -1.67 -7.72
C LEU B 75 1.07 -3.17 -7.73
N LYS B 76 1.98 -3.92 -8.34
CA LYS B 76 1.75 -5.32 -8.63
C LYS B 76 2.83 -6.13 -7.96
N GLU B 77 2.50 -7.36 -7.58
CA GLU B 77 3.52 -8.29 -7.08
C GLU B 77 4.15 -8.99 -8.26
N LYS B 78 5.49 -8.91 -8.36
CA LYS B 78 6.24 -9.44 -9.51
C LYS B 78 7.46 -10.22 -9.04
N LEU B 79 7.87 -11.23 -9.82
CA LEU B 79 9.10 -11.96 -9.48
C LEU B 79 10.29 -11.03 -9.74
N LEU B 80 11.10 -10.85 -8.70
CA LEU B 80 12.27 -9.96 -8.77
C LEU B 80 13.26 -10.45 -9.82
N SER B 81 13.39 -11.78 -9.95
CA SER B 81 14.39 -12.29 -10.89
C SER B 81 14.01 -12.04 -12.34
N LYS B 82 12.75 -11.74 -12.64
CA LYS B 82 12.38 -11.31 -14.00
C LYS B 82 12.35 -9.78 -14.19
N LEU B 83 12.33 -9.03 -13.09
CA LEU B 83 12.50 -7.58 -13.18
C LEU B 83 13.95 -7.22 -13.42
N ILE B 84 14.83 -7.92 -12.69
CA ILE B 84 16.27 -7.68 -12.79
C ILE B 84 16.94 -9.03 -13.02
N TYR B 85 17.46 -9.21 -14.21
CA TYR B 85 18.09 -10.49 -14.51
C TYR B 85 19.40 -10.64 -13.74
N GLY B 86 19.62 -11.83 -13.17
CA GLY B 86 20.91 -12.18 -12.59
C GLY B 86 21.05 -11.86 -11.12
N LEU B 87 19.99 -11.34 -10.51
CA LEU B 87 20.02 -11.08 -9.07
C LEU B 87 20.27 -12.39 -8.31
N LEU B 88 20.98 -12.32 -7.21
CA LEU B 88 21.31 -13.51 -6.43
C LEU B 88 20.48 -13.48 -5.18
N ILE B 89 19.78 -14.59 -4.89
CA ILE B 89 18.97 -14.73 -3.67
C ILE B 89 19.34 -16.06 -3.07
N SER B 90 19.98 -16.04 -1.91
CA SER B 90 20.29 -17.35 -1.27
C SER B 90 19.03 -17.92 -0.62
N PRO B 91 18.81 -19.23 -0.68
CA PRO B 91 17.60 -19.76 -0.07
C PRO B 91 17.55 -19.51 1.43
N THR B 92 18.72 -19.49 2.09
CA THR B 92 18.79 -19.28 3.54
C THR B 92 19.71 -18.12 3.86
N VAL B 93 19.49 -17.55 5.04
CA VAL B 93 20.27 -16.42 5.57
C VAL B 93 20.58 -16.79 7.02
N ASN B 94 21.86 -16.97 7.33
CA ASN B 94 22.28 -17.46 8.65
C ASN B 94 21.44 -18.65 9.09
N GLU B 95 21.36 -19.65 8.20
CA GLU B 95 20.72 -20.95 8.40
C GLU B 95 19.21 -20.89 8.56
N LYS B 96 18.58 -19.76 8.29
CA LYS B 96 17.13 -19.66 8.36
C LYS B 96 16.59 -19.31 6.98
N GLU B 97 15.29 -19.57 6.79
CA GLU B 97 14.68 -19.20 5.51
C GLU B 97 14.88 -17.72 5.18
N ASN B 98 15.21 -17.43 3.92
CA ASN B 98 15.27 -16.04 3.44
C ASN B 98 13.83 -15.57 3.19
N ASN B 99 13.20 -15.02 4.23
CA ASN B 99 11.79 -14.69 4.22
C ASN B 99 11.54 -13.86 5.48
N PHE B 100 10.62 -12.91 5.40
CA PHE B 100 10.37 -12.04 6.55
C PHE B 100 9.81 -12.80 7.77
N LYS B 101 9.29 -14.02 7.58
CA LYS B 101 8.88 -14.78 8.78
C LYS B 101 10.06 -15.13 9.69
N GLU B 102 11.28 -14.96 9.19
CA GLU B 102 12.46 -15.14 10.02
C GLU B 102 13.08 -13.81 10.41
N GLY B 103 12.54 -12.68 9.92
CA GLY B 103 12.95 -11.36 10.39
C GLY B 103 13.91 -10.65 9.46
N VAL B 104 14.39 -11.31 8.42
N VAL B 104 14.41 -11.33 8.44
CA VAL B 104 15.36 -10.62 7.57
CA VAL B 104 15.47 -10.76 7.59
C VAL B 104 15.32 -11.25 6.19
C VAL B 104 15.25 -11.28 6.17
N ILE B 105 15.44 -10.40 5.17
CA ILE B 105 15.57 -10.84 3.76
C ILE B 105 16.85 -10.25 3.21
N GLU B 106 17.46 -10.95 2.27
CA GLU B 106 18.71 -10.46 1.70
C GLU B 106 18.76 -10.83 0.23
N PHE B 107 19.38 -9.95 -0.58
CA PHE B 107 19.63 -10.31 -1.98
C PHE B 107 20.83 -9.50 -2.48
N THR B 108 21.44 -9.95 -3.57
CA THR B 108 22.60 -9.21 -4.11
C THR B 108 22.29 -8.83 -5.56
N LEU B 109 22.45 -7.56 -5.87
CA LEU B 109 22.17 -7.11 -7.25
C LEU B 109 23.31 -7.47 -8.19
N PRO B 110 23.03 -7.55 -9.51
CA PRO B 110 23.99 -8.16 -10.44
C PRO B 110 25.03 -7.17 -10.93
N PRO B 111 25.95 -7.64 -11.79
CA PRO B 111 26.98 -6.73 -12.31
C PRO B 111 26.46 -5.67 -13.24
N VAL B 112 25.32 -5.88 -13.90
CA VAL B 112 24.81 -4.90 -14.88
C VAL B 112 23.31 -4.73 -14.71
N VAL B 113 22.84 -3.48 -14.74
CA VAL B 113 21.40 -3.18 -14.80
C VAL B 113 21.22 -2.13 -15.88
N HIS B 114 20.33 -2.42 -16.85
CA HIS B 114 20.28 -1.50 -17.96
C HIS B 114 19.24 -0.43 -17.81
N LYS B 115 18.20 -0.66 -17.03
CA LYS B 115 17.09 0.29 -16.96
C LYS B 115 16.71 0.59 -15.54
N ALA B 116 16.42 1.87 -15.23
CA ALA B 116 16.06 2.22 -13.86
C ALA B 116 14.86 1.39 -13.42
N THR B 117 14.95 0.85 -12.19
CA THR B 117 13.98 -0.13 -11.69
C THR B 117 13.70 0.17 -10.24
N VAL B 118 12.42 0.35 -9.87
CA VAL B 118 12.07 0.69 -8.50
C VAL B 118 11.11 -0.37 -7.99
N PHE B 119 11.37 -0.87 -6.78
CA PHE B 119 10.44 -1.82 -6.19
C PHE B 119 10.43 -1.63 -4.68
N TYR B 120 9.44 -2.26 -4.04
CA TYR B 120 9.16 -1.99 -2.63
C TYR B 120 8.88 -3.25 -1.83
N PHE B 121 9.12 -3.13 -0.52
CA PHE B 121 8.74 -4.13 0.48
C PHE B 121 8.04 -3.37 1.60
N ILE B 122 7.04 -4.01 2.20
CA ILE B 122 6.30 -3.43 3.32
C ILE B 122 6.41 -4.32 4.55
N CYS B 123 6.87 -3.74 5.66
N CYS B 123 6.81 -3.77 5.67
CA CYS B 123 6.77 -4.30 7.01
CA CYS B 123 6.72 -4.44 6.96
C CYS B 123 5.65 -3.55 7.70
C CYS B 123 5.70 -3.65 7.76
N ASP B 124 4.49 -4.18 7.86
CA ASP B 124 3.30 -3.43 8.26
C ASP B 124 2.78 -3.88 9.62
N ASN B 125 2.98 -3.01 10.60
CA ASN B 125 2.54 -3.22 11.96
C ASN B 125 1.28 -2.46 12.28
N SER B 126 0.62 -1.88 11.28
CA SER B 126 -0.47 -0.95 11.56
C SER B 126 -1.73 -1.66 12.03
N LYS B 127 -1.79 -2.98 11.98
CA LYS B 127 -2.94 -3.67 12.57
C LYS B 127 -2.72 -4.02 14.03
N THR B 128 -1.49 -3.89 14.54
CA THR B 128 -1.23 -4.16 15.94
C THR B 128 -1.65 -2.96 16.77
N GLU B 129 -2.55 -3.20 17.71
CA GLU B 129 -3.11 -2.17 18.56
C GLU B 129 -2.82 -2.55 20.00
N ASP B 130 -2.32 -1.59 20.77
CA ASP B 130 -2.02 -1.84 22.17
C ASP B 130 -2.22 -0.54 22.94
N ASP B 131 -3.21 -0.52 23.85
CA ASP B 131 -3.35 0.61 24.76
C ASP B 131 -3.56 1.92 24.01
N ASN B 132 -4.52 1.95 23.08
CA ASN B 132 -4.82 3.18 22.34
C ASN B 132 -3.75 3.54 21.32
N LYS B 133 -2.70 2.74 21.24
CA LYS B 133 -1.63 3.02 20.29
C LYS B 133 -1.68 2.04 19.14
N LYS B 134 -1.18 2.49 17.99
CA LYS B 134 -1.23 1.76 16.74
C LYS B 134 0.18 1.70 16.19
N GLY B 135 0.57 0.52 15.68
CA GLY B 135 1.88 0.38 15.06
C GLY B 135 1.95 1.07 13.72
N ASN B 136 3.16 1.11 13.18
CA ASN B 136 3.45 1.87 11.97
C ASN B 136 3.67 0.94 10.78
N ARG B 137 3.59 1.56 9.60
CA ARG B 137 3.78 0.89 8.32
C ARG B 137 5.19 1.20 7.79
N GLY B 138 6.06 0.20 7.78
CA GLY B 138 7.44 0.42 7.29
C GLY B 138 7.47 0.13 5.80
N ILE B 139 8.06 1.04 5.03
CA ILE B 139 8.17 0.85 3.58
C ILE B 139 9.64 0.95 3.18
N VAL B 140 10.14 -0.04 2.45
CA VAL B 140 11.47 0.02 1.86
C VAL B 140 11.31 0.30 0.39
N GLU B 141 11.95 1.36 -0.10
CA GLU B 141 11.97 1.61 -1.54
C GLU B 141 13.38 1.30 -2.04
N VAL B 142 13.50 0.36 -2.98
CA VAL B 142 14.78 0.05 -3.62
C VAL B 142 14.76 0.67 -5.01
N TYR B 143 15.64 1.64 -5.23
CA TYR B 143 15.69 2.40 -6.48
C TYR B 143 17.01 2.04 -7.15
N VAL B 144 16.95 1.22 -8.22
CA VAL B 144 18.17 0.78 -8.89
C VAL B 144 18.31 1.60 -10.17
N GLU B 145 19.39 2.37 -10.28
CA GLU B 145 19.72 3.15 -11.47
C GLU B 145 20.55 2.29 -12.41
N PRO B 146 20.56 2.58 -13.69
CA PRO B 146 21.44 1.80 -14.59
C PRO B 146 22.90 1.85 -14.17
N TYR B 147 23.58 0.73 -14.31
CA TYR B 147 25.02 0.70 -14.05
C TYR B 147 25.65 -0.48 -14.81
N GLY B 148 26.99 -0.44 -14.96
CA GLY B 148 27.69 -1.53 -15.60
C GLY B 148 27.79 -1.54 -17.14
S SO4 C . -12.58 -3.91 14.29
O1 SO4 C . -12.60 -2.56 13.72
O2 SO4 C . -13.65 -4.00 15.29
O3 SO4 C . -12.80 -4.91 13.25
O4 SO4 C . -11.31 -4.15 14.96
S SO4 D . 5.95 -12.34 -12.90
O1 SO4 D . 5.00 -11.56 -13.69
O2 SO4 D . 5.44 -12.52 -11.53
O3 SO4 D . 6.16 -13.63 -13.54
O4 SO4 D . 7.22 -11.63 -12.85
S SO4 E . 24.72 -10.68 7.17
O1 SO4 E . 24.62 -9.37 7.82
O2 SO4 E . 23.64 -11.58 7.59
O3 SO4 E . 24.68 -10.48 5.72
O4 SO4 E . 25.98 -11.31 7.55
#